data_8B8B
#
_entry.id   8B8B
#
_cell.length_a   70.226
_cell.length_b   42.746
_cell.length_c   72.195
_cell.angle_alpha   90.000
_cell.angle_beta   92.360
_cell.angle_gamma   90.000
#
_symmetry.space_group_name_H-M   'P 1 21 1'
#
loop_
_entity.id
_entity.type
_entity.pdbx_description
1 polymer 'Munia Bornavirus 1 phosphoprotein'
2 non-polymer 'NITRATE ION'
3 water water
#
_entity_poly.entity_id   1
_entity_poly.type   'polypeptide(L)'
_entity_poly.pdbx_seq_one_letter_code
;GAMGREQLSNDELIKQLVMELAENSMIEAEGLKGTLDEATQKIELGFESLSSLQVETIQAIQATDYADSIKTLGENIKIL
DRSMKSMMETMRLMMEKIDLLYASTAIGNPSA
;
_entity_poly.pdbx_strand_id   A,B,C,D
#
# COMPACT_ATOMS: atom_id res chain seq x y z
N ASP A 11 67.84 -21.73 18.71
CA ASP A 11 67.97 -23.00 17.94
C ASP A 11 67.45 -22.78 16.52
N GLU A 12 67.55 -23.81 15.67
CA GLU A 12 66.82 -23.94 14.39
C GLU A 12 65.35 -24.27 14.69
N LEU A 13 65.06 -24.69 15.93
CA LEU A 13 63.69 -25.04 16.42
C LEU A 13 62.81 -23.78 16.47
N ILE A 14 63.31 -22.72 17.12
CA ILE A 14 62.54 -21.44 17.33
C ILE A 14 62.35 -20.74 15.98
N LYS A 15 63.36 -20.76 15.10
CA LYS A 15 63.31 -20.22 13.72
C LYS A 15 62.23 -20.95 12.91
N GLN A 16 62.16 -22.27 13.05
CA GLN A 16 61.16 -23.12 12.34
C GLN A 16 59.75 -22.88 12.93
N LEU A 17 59.62 -22.79 14.26
CA LEU A 17 58.34 -22.46 14.96
C LEU A 17 57.82 -21.08 14.50
N VAL A 18 58.68 -20.07 14.38
CA VAL A 18 58.33 -18.67 13.96
C VAL A 18 57.97 -18.65 12.47
N MET A 19 58.82 -19.21 11.60
CA MET A 19 58.57 -19.30 10.14
C MET A 19 57.22 -19.97 9.87
N GLU A 20 56.89 -21.06 10.60
CA GLU A 20 55.59 -21.78 10.51
C GLU A 20 54.49 -20.86 11.02
N LEU A 21 54.71 -20.19 12.14
CA LEU A 21 53.71 -19.31 12.80
C LEU A 21 53.38 -18.15 11.83
N ALA A 22 54.42 -17.45 11.37
CA ALA A 22 54.36 -16.33 10.39
C ALA A 22 53.58 -16.77 9.13
N GLU A 23 53.93 -17.93 8.54
CA GLU A 23 53.31 -18.43 7.29
C GLU A 23 51.80 -18.63 7.52
N ASN A 24 51.41 -19.28 8.62
CA ASN A 24 50.00 -19.64 8.96
C ASN A 24 49.18 -18.40 9.33
N SER A 25 49.80 -17.47 10.05
CA SER A 25 49.18 -16.21 10.53
C SER A 25 48.72 -15.40 9.31
N MET A 26 49.55 -15.36 8.26
CA MET A 26 49.23 -14.61 7.01
C MET A 26 48.14 -15.35 6.22
N ILE A 27 48.13 -16.68 6.18
CA ILE A 27 47.03 -17.46 5.52
C ILE A 27 45.69 -17.17 6.21
N GLU A 28 45.63 -17.28 7.54
CA GLU A 28 44.40 -17.02 8.35
C GLU A 28 43.99 -15.55 8.16
N ALA A 29 44.94 -14.60 8.22
CA ALA A 29 44.67 -13.15 8.08
C ALA A 29 44.07 -12.88 6.69
N GLU A 30 44.68 -13.38 5.61
CA GLU A 30 44.18 -13.22 4.21
C GLU A 30 42.85 -13.98 4.02
N GLY A 31 42.68 -15.13 4.68
CA GLY A 31 41.40 -15.87 4.72
C GLY A 31 40.31 -15.04 5.40
N LEU A 32 40.63 -14.38 6.52
CA LEU A 32 39.70 -13.47 7.23
C LEU A 32 39.42 -12.28 6.32
N LYS A 33 40.46 -11.68 5.76
CA LYS A 33 40.35 -10.43 4.98
C LYS A 33 39.34 -10.66 3.85
N GLY A 34 39.47 -11.78 3.12
CA GLY A 34 38.68 -12.08 1.91
C GLY A 34 37.23 -12.35 2.26
N THR A 35 37.01 -13.11 3.34
CA THR A 35 35.67 -13.44 3.88
C THR A 35 35.01 -12.14 4.31
N LEU A 36 35.77 -11.16 4.84
CA LEU A 36 35.18 -9.88 5.34
C LEU A 36 34.83 -9.02 4.13
N ASP A 37 35.65 -9.09 3.07
CA ASP A 37 35.41 -8.36 1.81
C ASP A 37 34.19 -8.95 1.11
N GLU A 38 34.07 -10.28 1.04
CA GLU A 38 32.89 -10.97 0.47
C GLU A 38 31.64 -10.55 1.24
N ALA A 39 31.73 -10.44 2.59
CA ALA A 39 30.60 -10.11 3.49
C ALA A 39 30.17 -8.66 3.25
N THR A 40 31.14 -7.75 3.21
CA THR A 40 30.99 -6.30 2.89
C THR A 40 30.39 -6.12 1.50
N GLN A 41 30.88 -6.88 0.52
CA GLN A 41 30.40 -6.82 -0.90
C GLN A 41 28.93 -7.24 -0.87
N LYS A 42 28.60 -8.37 -0.24
CA LYS A 42 27.20 -8.87 -0.13
C LYS A 42 26.31 -7.79 0.49
N ILE A 43 26.70 -7.24 1.63
CA ILE A 43 25.93 -6.17 2.33
C ILE A 43 25.64 -5.04 1.34
N GLU A 44 26.68 -4.48 0.73
CA GLU A 44 26.58 -3.37 -0.25
C GLU A 44 25.58 -3.70 -1.36
N LEU A 45 25.70 -4.87 -2.00
CA LEU A 45 24.80 -5.33 -3.09
C LEU A 45 23.40 -5.56 -2.52
N GLY A 46 23.32 -6.09 -1.31
CA GLY A 46 22.02 -6.25 -0.64
C GLY A 46 21.29 -4.93 -0.56
N PHE A 47 21.90 -3.94 0.08
CA PHE A 47 21.27 -2.62 0.31
C PHE A 47 21.04 -1.94 -1.04
N GLU A 48 21.99 -2.05 -1.95
CA GLU A 48 21.89 -1.46 -3.32
C GLU A 48 20.63 -1.99 -4.03
N SER A 49 20.48 -3.31 -4.09
CA SER A 49 19.41 -3.91 -4.92
C SER A 49 18.02 -3.62 -4.34
N LEU A 50 17.83 -3.84 -3.03
CA LEU A 50 16.54 -3.60 -2.33
C LEU A 50 16.14 -2.14 -2.44
N SER A 51 17.13 -1.27 -2.30
CA SER A 51 16.91 0.18 -2.29
C SER A 51 16.42 0.62 -3.68
N SER A 52 17.05 0.14 -4.75
CA SER A 52 16.56 0.41 -6.13
C SER A 52 15.08 0.03 -6.27
N LEU A 53 14.67 -1.17 -5.82
CA LEU A 53 13.28 -1.63 -6.07
C LEU A 53 12.28 -0.87 -5.20
N GLN A 54 12.65 -0.49 -3.98
CA GLN A 54 11.78 0.32 -3.11
C GLN A 54 11.57 1.70 -3.78
N VAL A 55 12.62 2.32 -4.32
CA VAL A 55 12.49 3.63 -5.02
C VAL A 55 11.49 3.45 -6.16
N GLU A 56 11.63 2.40 -6.97
CA GLU A 56 10.73 2.24 -8.13
C GLU A 56 9.32 1.94 -7.61
N THR A 57 9.18 1.34 -6.40
CA THR A 57 7.84 1.01 -5.85
C THR A 57 7.17 2.36 -5.50
N ILE A 58 7.89 3.26 -4.82
CA ILE A 58 7.35 4.60 -4.38
C ILE A 58 6.94 5.36 -5.63
N GLN A 59 7.83 5.46 -6.61
CA GLN A 59 7.53 6.17 -7.89
C GLN A 59 6.19 5.68 -8.44
N ALA A 60 6.04 4.37 -8.60
CA ALA A 60 4.88 3.80 -9.30
C ALA A 60 3.62 4.07 -8.48
N ILE A 61 3.69 3.99 -7.14
CA ILE A 61 2.53 4.35 -6.26
C ILE A 61 2.14 5.84 -6.51
N GLN A 62 3.10 6.74 -6.43
CA GLN A 62 2.93 8.21 -6.64
C GLN A 62 2.21 8.49 -7.97
N ALA A 63 2.52 7.78 -9.03
CA ALA A 63 1.97 8.02 -10.39
C ALA A 63 0.56 7.45 -10.56
N THR A 64 -0.01 6.70 -9.61
CA THR A 64 -1.46 6.32 -9.69
C THR A 64 -2.32 7.56 -9.44
N ASP A 65 -3.52 7.60 -10.04
CA ASP A 65 -4.34 8.82 -10.25
C ASP A 65 -5.85 8.55 -10.11
N TYR A 66 -6.26 7.46 -9.44
CA TYR A 66 -7.71 7.12 -9.26
C TYR A 66 -8.47 8.37 -8.78
N ALA A 67 -7.81 9.25 -8.00
CA ALA A 67 -8.33 10.54 -7.46
C ALA A 67 -9.06 11.35 -8.53
N ASP A 68 -8.45 11.52 -9.71
CA ASP A 68 -9.07 12.17 -10.89
C ASP A 68 -10.42 11.50 -11.19
N SER A 69 -10.44 10.17 -11.26
CA SER A 69 -11.62 9.35 -11.66
C SER A 69 -12.73 9.43 -10.61
N ILE A 70 -12.37 9.44 -9.33
CA ILE A 70 -13.34 9.51 -8.19
C ILE A 70 -13.97 10.91 -8.14
N LYS A 71 -13.20 11.95 -8.45
CA LYS A 71 -13.68 13.34 -8.67
C LYS A 71 -14.77 13.35 -9.75
N THR A 72 -14.46 13.00 -11.02
CA THR A 72 -15.47 12.88 -12.11
C THR A 72 -16.75 12.20 -11.59
N LEU A 73 -16.66 11.03 -10.92
CA LEU A 73 -17.87 10.27 -10.49
C LEU A 73 -18.64 11.10 -9.46
N GLY A 74 -17.93 11.76 -8.59
CA GLY A 74 -18.57 12.67 -7.61
C GLY A 74 -19.29 13.83 -8.27
N GLU A 75 -18.67 14.49 -9.24
CA GLU A 75 -19.34 15.51 -10.09
C GLU A 75 -20.62 14.87 -10.69
N ASN A 76 -20.52 13.73 -11.36
CA ASN A 76 -21.67 13.16 -12.10
C ASN A 76 -22.81 12.81 -11.12
N ILE A 77 -22.47 12.48 -9.88
CA ILE A 77 -23.53 12.17 -8.89
C ILE A 77 -24.18 13.47 -8.38
N LYS A 78 -23.44 14.57 -8.31
CA LYS A 78 -23.96 15.91 -7.90
C LYS A 78 -24.95 16.39 -8.95
N ILE A 79 -24.67 16.13 -10.22
CA ILE A 79 -25.54 16.50 -11.34
C ILE A 79 -26.83 15.69 -11.21
N LEU A 80 -26.76 14.39 -10.86
CA LEU A 80 -27.99 13.56 -10.79
C LEU A 80 -28.80 14.11 -9.63
N ASP A 81 -28.12 14.51 -8.56
CA ASP A 81 -28.80 14.97 -7.33
C ASP A 81 -29.62 16.24 -7.66
N ARG A 82 -29.00 17.19 -8.35
CA ARG A 82 -29.66 18.47 -8.75
C ARG A 82 -30.91 18.16 -9.58
N SER A 83 -30.80 17.32 -10.64
CA SER A 83 -31.94 16.87 -11.48
C SER A 83 -33.06 16.25 -10.66
N MET A 84 -32.73 15.41 -9.70
CA MET A 84 -33.75 14.74 -8.87
C MET A 84 -34.45 15.78 -8.00
N LYS A 85 -33.74 16.79 -7.51
CA LYS A 85 -34.44 17.88 -6.77
C LYS A 85 -35.36 18.64 -7.73
N SER A 86 -34.93 18.83 -8.99
CA SER A 86 -35.81 19.46 -9.99
C SER A 86 -37.02 18.55 -10.19
N MET A 87 -36.81 17.26 -10.35
CA MET A 87 -37.99 16.37 -10.61
C MET A 87 -38.93 16.36 -9.39
N MET A 88 -38.42 16.44 -8.16
CA MET A 88 -39.34 16.48 -6.99
C MET A 88 -40.21 17.73 -7.10
N GLU A 89 -39.66 18.90 -7.50
CA GLU A 89 -40.47 20.12 -7.69
C GLU A 89 -41.56 19.88 -8.73
N THR A 90 -41.23 19.31 -9.91
CA THR A 90 -42.27 19.07 -10.94
C THR A 90 -43.38 18.19 -10.36
N MET A 91 -42.98 17.13 -9.65
CA MET A 91 -43.99 16.21 -9.08
C MET A 91 -44.85 16.90 -8.00
N ARG A 92 -44.31 17.84 -7.22
CA ARG A 92 -45.16 18.62 -6.28
CA ARG A 92 -45.16 18.61 -6.28
C ARG A 92 -46.20 19.38 -7.12
N LEU A 93 -45.76 20.08 -8.17
CA LEU A 93 -46.76 20.85 -8.96
C LEU A 93 -47.79 19.89 -9.54
N MET A 94 -47.36 18.73 -10.02
CA MET A 94 -48.31 17.78 -10.66
C MET A 94 -49.37 17.38 -9.61
N MET A 95 -48.95 17.12 -8.39
CA MET A 95 -49.88 16.74 -7.29
C MET A 95 -50.87 17.90 -7.02
N GLU A 96 -50.36 19.10 -6.90
CA GLU A 96 -51.24 20.31 -6.75
C GLU A 96 -52.25 20.42 -7.90
N LYS A 97 -51.86 20.19 -9.15
CA LYS A 97 -52.84 20.29 -10.26
C LYS A 97 -53.88 19.16 -10.13
N ILE A 98 -53.46 17.95 -9.75
CA ILE A 98 -54.40 16.81 -9.55
C ILE A 98 -55.36 17.20 -8.43
N ASP A 99 -54.85 17.75 -7.31
CA ASP A 99 -55.69 18.20 -6.15
C ASP A 99 -56.75 19.19 -6.65
N LEU A 100 -56.37 20.15 -7.52
CA LEU A 100 -57.34 21.18 -8.00
C LEU A 100 -58.43 20.51 -8.83
N LEU A 101 -58.04 19.57 -9.71
CA LEU A 101 -58.97 18.74 -10.53
C LEU A 101 -59.96 18.00 -9.62
N TYR A 102 -59.43 17.35 -8.59
CA TYR A 102 -60.25 16.56 -7.64
C TYR A 102 -61.21 17.48 -6.89
N ALA A 103 -60.73 18.47 -6.16
CA ALA A 103 -61.65 19.35 -5.40
C ALA A 103 -62.68 20.01 -6.34
N SER A 104 -62.29 20.50 -7.51
CA SER A 104 -63.18 21.35 -8.36
C SER A 104 -64.27 20.48 -8.99
N THR A 105 -63.97 19.25 -9.37
CA THR A 105 -64.99 18.37 -10.00
C THR A 105 -65.88 17.73 -8.90
N ALA A 106 -65.29 17.31 -7.79
CA ALA A 106 -66.01 16.70 -6.65
C ALA A 106 -66.99 17.71 -6.05
N ILE A 107 -66.50 18.90 -5.70
CA ILE A 107 -67.27 19.87 -4.87
C ILE A 107 -68.04 20.81 -5.80
N GLY A 108 -67.37 21.43 -6.79
CA GLY A 108 -68.07 22.23 -7.82
C GLY A 108 -69.19 21.44 -8.50
N ASN A 109 -68.81 20.41 -9.27
CA ASN A 109 -69.73 19.47 -9.98
C ASN A 109 -69.94 18.23 -9.10
N ASP B 11 65.00 -20.13 26.12
CA ASP B 11 65.25 -21.25 25.16
C ASP B 11 64.08 -22.24 25.23
N GLU B 12 63.86 -22.81 26.41
CA GLU B 12 62.69 -23.69 26.71
C GLU B 12 61.49 -22.79 27.04
N LEU B 13 61.74 -21.60 27.61
CA LEU B 13 60.74 -20.56 27.97
C LEU B 13 60.27 -19.81 26.72
N ILE B 14 61.20 -19.43 25.84
CA ILE B 14 60.92 -18.81 24.50
C ILE B 14 60.15 -19.81 23.62
N LYS B 15 60.50 -21.10 23.72
CA LYS B 15 59.83 -22.19 22.97
C LYS B 15 58.37 -22.32 23.46
N GLN B 16 58.12 -22.16 24.76
CA GLN B 16 56.76 -22.16 25.36
C GLN B 16 55.96 -20.96 24.82
N LEU B 17 56.54 -19.77 24.92
CA LEU B 17 55.95 -18.47 24.50
C LEU B 17 55.44 -18.57 23.05
N VAL B 18 56.32 -18.91 22.10
CA VAL B 18 56.00 -18.99 20.64
C VAL B 18 54.87 -20.01 20.38
N MET B 19 54.97 -21.24 20.93
CA MET B 19 53.93 -22.30 20.82
C MET B 19 52.60 -21.84 21.43
N GLU B 20 52.65 -21.03 22.49
CA GLU B 20 51.48 -20.36 23.12
C GLU B 20 50.86 -19.36 22.12
N LEU B 21 51.67 -18.48 21.54
CA LEU B 21 51.24 -17.52 20.49
C LEU B 21 50.47 -18.29 19.40
N ALA B 22 51.05 -19.37 18.85
CA ALA B 22 50.50 -20.13 17.72
C ALA B 22 49.17 -20.81 18.13
N GLU B 23 49.07 -21.27 19.36
CA GLU B 23 47.84 -21.93 19.88
C GLU B 23 46.72 -20.86 19.95
N ASN B 24 47.00 -19.79 20.69
CA ASN B 24 46.05 -18.70 21.04
C ASN B 24 45.67 -17.94 19.76
N SER B 25 46.62 -17.66 18.88
CA SER B 25 46.34 -17.01 17.57
C SER B 25 45.32 -17.82 16.78
N MET B 26 45.57 -19.11 16.59
CA MET B 26 44.72 -19.97 15.72
C MET B 26 43.36 -20.23 16.38
N ILE B 27 43.30 -20.25 17.72
CA ILE B 27 42.00 -20.33 18.47
C ILE B 27 41.20 -19.05 18.14
N GLU B 28 41.84 -17.89 18.23
CA GLU B 28 41.17 -16.59 17.96
C GLU B 28 40.76 -16.54 16.48
N ALA B 29 41.69 -16.87 15.57
CA ALA B 29 41.47 -16.81 14.11
C ALA B 29 40.24 -17.65 13.75
N GLU B 30 40.12 -18.84 14.33
CA GLU B 30 38.94 -19.74 14.17
C GLU B 30 37.68 -19.02 14.68
N GLY B 31 37.68 -18.60 15.95
CA GLY B 31 36.55 -17.89 16.57
C GLY B 31 35.95 -16.93 15.56
N LEU B 32 36.78 -15.98 15.10
CA LEU B 32 36.46 -14.85 14.16
C LEU B 32 35.98 -15.39 12.81
N LYS B 33 36.55 -16.50 12.35
CA LYS B 33 36.12 -17.19 11.09
C LYS B 33 34.69 -17.70 11.28
N GLY B 34 34.46 -18.51 12.31
CA GLY B 34 33.14 -19.11 12.60
C GLY B 34 32.05 -18.05 12.66
N THR B 35 32.30 -16.94 13.36
CA THR B 35 31.35 -15.81 13.54
C THR B 35 31.04 -15.18 12.19
N LEU B 36 32.08 -14.89 11.39
CA LEU B 36 31.93 -14.33 10.02
C LEU B 36 31.04 -15.22 9.16
N ASP B 37 31.24 -16.53 9.20
CA ASP B 37 30.38 -17.48 8.44
C ASP B 37 28.92 -17.33 8.90
N GLU B 38 28.68 -17.17 10.20
CA GLU B 38 27.33 -17.07 10.81
C GLU B 38 26.67 -15.78 10.31
N ALA B 39 27.40 -14.68 10.38
CA ALA B 39 27.09 -13.34 9.84
C ALA B 39 26.76 -13.40 8.34
N THR B 40 27.46 -14.26 7.59
CA THR B 40 27.30 -14.43 6.12
C THR B 40 25.99 -15.17 5.85
N GLN B 41 25.69 -16.16 6.67
CA GLN B 41 24.42 -16.91 6.62
C GLN B 41 23.31 -15.90 6.91
N LYS B 42 23.50 -15.06 7.92
CA LYS B 42 22.56 -14.02 8.41
C LYS B 42 22.25 -13.05 7.29
N ILE B 43 23.29 -12.53 6.65
CA ILE B 43 23.18 -11.51 5.56
C ILE B 43 22.47 -12.13 4.34
N GLU B 44 22.84 -13.32 3.92
CA GLU B 44 22.22 -14.07 2.80
C GLU B 44 20.72 -14.22 3.07
N LEU B 45 20.34 -14.79 4.22
CA LEU B 45 18.91 -15.06 4.57
C LEU B 45 18.13 -13.75 4.74
N GLY B 46 18.72 -12.75 5.36
CA GLY B 46 18.06 -11.46 5.62
C GLY B 46 17.66 -10.77 4.34
N PHE B 47 18.54 -10.74 3.34
CA PHE B 47 18.28 -10.08 2.03
C PHE B 47 17.31 -10.94 1.22
N GLU B 48 17.40 -12.26 1.30
CA GLU B 48 16.42 -13.22 0.70
C GLU B 48 15.00 -12.96 1.24
N SER B 49 14.85 -12.59 2.52
CA SER B 49 13.51 -12.36 3.13
C SER B 49 13.04 -10.95 2.76
N LEU B 50 13.92 -9.93 2.83
CA LEU B 50 13.51 -8.54 2.53
C LEU B 50 13.04 -8.50 1.07
N SER B 51 13.76 -9.18 0.17
CA SER B 51 13.46 -9.18 -1.29
C SER B 51 12.12 -9.88 -1.52
N SER B 52 11.90 -11.02 -0.86
CA SER B 52 10.63 -11.77 -0.96
C SER B 52 9.44 -10.86 -0.58
N LEU B 53 9.53 -10.14 0.54
CA LEU B 53 8.43 -9.29 1.07
C LEU B 53 8.26 -8.05 0.19
N GLN B 54 9.33 -7.51 -0.38
CA GLN B 54 9.30 -6.40 -1.36
C GLN B 54 8.51 -6.87 -2.59
N VAL B 55 8.73 -8.09 -3.06
CA VAL B 55 7.94 -8.62 -4.21
C VAL B 55 6.48 -8.81 -3.78
N GLU B 56 6.20 -9.36 -2.60
CA GLU B 56 4.81 -9.53 -2.09
C GLU B 56 4.10 -8.16 -2.02
N THR B 57 4.79 -7.12 -1.53
CA THR B 57 4.27 -5.73 -1.53
C THR B 57 3.80 -5.32 -2.92
N ILE B 58 4.64 -5.46 -3.93
CA ILE B 58 4.31 -5.08 -5.33
C ILE B 58 3.13 -5.92 -5.80
N GLN B 59 3.15 -7.22 -5.53
CA GLN B 59 2.10 -8.17 -5.98
C GLN B 59 0.78 -7.85 -5.26
N ALA B 60 0.78 -7.52 -3.97
CA ALA B 60 -0.42 -7.10 -3.21
C ALA B 60 -0.96 -5.77 -3.76
N ILE B 61 -0.10 -4.81 -4.11
CA ILE B 61 -0.57 -3.54 -4.72
C ILE B 61 -1.15 -3.91 -6.10
N GLN B 62 -0.55 -4.86 -6.80
CA GLN B 62 -1.03 -5.23 -8.16
C GLN B 62 -2.46 -5.74 -7.96
N ALA B 63 -2.66 -6.68 -7.04
CA ALA B 63 -3.96 -7.33 -6.80
C ALA B 63 -5.04 -6.28 -6.46
N THR B 64 -4.71 -5.16 -5.78
CA THR B 64 -5.69 -4.16 -5.29
C THR B 64 -6.20 -3.28 -6.44
N ASP B 65 -5.78 -3.53 -7.68
CA ASP B 65 -6.27 -2.79 -8.88
C ASP B 65 -7.81 -2.79 -8.90
N TYR B 66 -8.42 -1.60 -8.89
CA TYR B 66 -9.89 -1.38 -9.07
C TYR B 66 -10.14 -0.24 -10.08
N ALA B 67 -9.28 -0.07 -11.08
CA ALA B 67 -9.54 0.77 -12.28
C ALA B 67 -10.78 0.27 -13.03
N ASP B 68 -11.13 -1.02 -12.92
CA ASP B 68 -12.26 -1.63 -13.66
C ASP B 68 -13.59 -1.44 -12.91
N SER B 69 -13.56 -1.51 -11.59
CA SER B 69 -14.67 -1.15 -10.69
C SER B 69 -15.19 0.26 -11.01
N ILE B 70 -14.28 1.21 -11.24
CA ILE B 70 -14.61 2.64 -11.43
C ILE B 70 -15.22 2.78 -12.82
N LYS B 71 -14.56 2.26 -13.85
CA LYS B 71 -15.12 2.26 -15.21
C LYS B 71 -16.60 1.79 -15.17
N THR B 72 -16.87 0.66 -14.51
CA THR B 72 -18.20 0.02 -14.42
C THR B 72 -19.17 0.95 -13.66
N LEU B 73 -18.73 1.58 -12.57
CA LEU B 73 -19.58 2.48 -11.77
C LEU B 73 -19.96 3.68 -12.65
N GLY B 74 -19.01 4.24 -13.37
CA GLY B 74 -19.26 5.40 -14.26
C GLY B 74 -20.26 5.02 -15.34
N GLU B 75 -20.21 3.77 -15.80
CA GLU B 75 -21.12 3.27 -16.85
C GLU B 75 -22.57 3.17 -16.32
N ASN B 76 -22.79 2.76 -15.08
CA ASN B 76 -24.14 2.61 -14.50
C ASN B 76 -24.68 4.00 -14.19
N ILE B 77 -23.81 4.94 -13.79
CA ILE B 77 -24.23 6.35 -13.57
C ILE B 77 -24.77 6.92 -14.89
N LYS B 78 -24.10 6.70 -16.01
CA LYS B 78 -24.56 7.26 -17.31
C LYS B 78 -25.91 6.66 -17.69
N ILE B 79 -26.11 5.37 -17.44
CA ILE B 79 -27.39 4.64 -17.65
C ILE B 79 -28.50 5.27 -16.77
N LEU B 80 -28.24 5.50 -15.48
CA LEU B 80 -29.22 6.13 -14.58
C LEU B 80 -29.53 7.54 -15.13
N ASP B 81 -28.52 8.26 -15.53
CA ASP B 81 -28.66 9.59 -16.16
C ASP B 81 -29.61 9.54 -17.33
N ARG B 82 -29.46 8.55 -18.21
CA ARG B 82 -30.34 8.43 -19.40
C ARG B 82 -31.76 8.07 -18.92
N SER B 83 -31.89 7.20 -17.93
CA SER B 83 -33.24 6.86 -17.39
C SER B 83 -33.93 8.12 -16.82
N MET B 84 -33.16 8.95 -16.15
CA MET B 84 -33.66 10.20 -15.52
C MET B 84 -34.16 11.15 -16.61
N LYS B 85 -33.42 11.29 -17.68
CA LYS B 85 -33.84 12.16 -18.80
C LYS B 85 -35.13 11.68 -19.46
N SER B 86 -35.36 10.38 -19.53
CA SER B 86 -36.62 9.84 -20.08
C SER B 86 -37.76 10.15 -19.13
N MET B 87 -37.54 9.91 -17.84
CA MET B 87 -38.55 10.24 -16.82
C MET B 87 -38.95 11.70 -16.98
N MET B 88 -37.99 12.63 -17.02
CA MET B 88 -38.29 14.08 -17.19
C MET B 88 -39.12 14.34 -18.45
N GLU B 89 -38.79 13.69 -19.56
CA GLU B 89 -39.58 13.82 -20.79
C GLU B 89 -41.00 13.35 -20.52
N THR B 90 -41.12 12.19 -19.86
CA THR B 90 -42.43 11.59 -19.57
C THR B 90 -43.18 12.59 -18.72
N MET B 91 -42.53 13.17 -17.71
CA MET B 91 -43.24 14.09 -16.78
C MET B 91 -43.72 15.37 -17.52
N ARG B 92 -42.94 15.92 -18.48
CA ARG B 92 -43.46 17.00 -19.37
C ARG B 92 -44.72 16.55 -20.11
N LEU B 93 -44.75 15.34 -20.65
CA LEU B 93 -45.95 14.95 -21.44
C LEU B 93 -47.13 14.78 -20.48
N MET B 94 -46.89 14.22 -19.31
CA MET B 94 -47.96 14.03 -18.30
C MET B 94 -48.52 15.40 -17.92
N MET B 95 -47.64 16.36 -17.65
CA MET B 95 -48.08 17.73 -17.22
C MET B 95 -49.03 18.35 -18.26
N GLU B 96 -48.72 18.14 -19.52
CA GLU B 96 -49.56 18.60 -20.63
C GLU B 96 -50.92 17.88 -20.62
N LYS B 97 -50.96 16.57 -20.40
CA LYS B 97 -52.25 15.85 -20.42
C LYS B 97 -53.03 16.30 -19.18
N ILE B 98 -52.37 16.57 -18.06
CA ILE B 98 -53.16 17.10 -16.91
C ILE B 98 -53.82 18.42 -17.32
N ASP B 99 -53.03 19.34 -17.89
CA ASP B 99 -53.49 20.72 -18.24
C ASP B 99 -54.69 20.63 -19.17
N LEU B 100 -54.58 19.81 -20.22
CA LEU B 100 -55.65 19.48 -21.17
C LEU B 100 -56.90 19.02 -20.42
N LEU B 101 -56.80 17.95 -19.63
CA LEU B 101 -58.00 17.41 -18.91
C LEU B 101 -58.62 18.52 -18.07
N TYR B 102 -57.82 19.32 -17.38
CA TYR B 102 -58.40 20.32 -16.45
C TYR B 102 -59.14 21.37 -17.30
N ALA B 103 -58.50 21.81 -18.37
CA ALA B 103 -59.05 22.82 -19.30
C ALA B 103 -60.36 22.29 -19.91
N SER B 104 -60.49 20.97 -20.10
CA SER B 104 -61.59 20.29 -20.85
C SER B 104 -62.75 19.88 -19.93
N THR B 105 -62.75 20.27 -18.66
CA THR B 105 -63.75 19.81 -17.65
C THR B 105 -65.03 20.63 -17.81
N ILE C 14 64.48 -11.79 21.15
CA ILE C 14 64.46 -11.66 22.63
C ILE C 14 63.06 -12.09 23.12
N LYS C 15 63.00 -12.50 24.39
CA LYS C 15 61.77 -12.89 25.12
C LYS C 15 60.73 -11.76 25.05
N GLN C 16 61.17 -10.49 25.01
CA GLN C 16 60.28 -9.30 25.06
C GLN C 16 59.62 -9.07 23.69
N LEU C 17 60.41 -9.05 22.60
CA LEU C 17 59.92 -8.97 21.19
C LEU C 17 58.67 -9.85 21.06
N VAL C 18 58.72 -11.07 21.57
CA VAL C 18 57.62 -12.08 21.48
C VAL C 18 56.49 -11.73 22.48
N MET C 19 56.82 -11.48 23.76
CA MET C 19 55.81 -11.27 24.85
C MET C 19 54.90 -10.07 24.54
N GLU C 20 55.44 -8.97 24.02
CA GLU C 20 54.63 -7.81 23.58
C GLU C 20 53.69 -8.25 22.45
N LEU C 21 54.20 -9.01 21.46
CA LEU C 21 53.41 -9.52 20.30
C LEU C 21 52.16 -10.25 20.82
N ALA C 22 52.34 -11.21 21.74
CA ALA C 22 51.27 -12.03 22.37
C ALA C 22 50.18 -11.15 22.99
N GLU C 23 50.54 -9.98 23.52
CA GLU C 23 49.61 -9.11 24.28
C GLU C 23 48.90 -8.19 23.27
N ASN C 24 49.68 -7.49 22.44
CA ASN C 24 49.16 -6.62 21.36
C ASN C 24 48.23 -7.44 20.46
N SER C 25 48.48 -8.74 20.29
CA SER C 25 47.65 -9.64 19.44
C SER C 25 46.48 -10.19 20.26
N MET C 26 46.64 -10.41 21.57
CA MET C 26 45.48 -10.77 22.42
C MET C 26 44.45 -9.64 22.32
N ILE C 27 44.88 -8.38 22.42
CA ILE C 27 43.95 -7.20 22.60
C ILE C 27 43.36 -6.81 21.24
N GLU C 28 44.16 -6.75 20.17
CA GLU C 28 43.65 -6.50 18.78
C GLU C 28 42.53 -7.52 18.47
N ALA C 29 42.72 -8.78 18.85
CA ALA C 29 41.79 -9.94 18.70
C ALA C 29 40.43 -9.66 19.38
N GLU C 30 40.41 -9.44 20.70
CA GLU C 30 39.15 -9.12 21.44
C GLU C 30 38.64 -7.73 21.02
N GLY C 31 39.52 -6.80 20.66
CA GLY C 31 39.16 -5.62 19.87
C GLY C 31 38.28 -6.00 18.67
N LEU C 32 38.64 -7.06 17.93
CA LEU C 32 37.98 -7.45 16.66
C LEU C 32 36.69 -8.23 16.97
N LYS C 33 36.77 -9.23 17.84
CA LYS C 33 35.59 -10.10 18.15
C LYS C 33 34.43 -9.26 18.69
N GLY C 34 34.74 -8.17 19.41
CA GLY C 34 33.75 -7.28 20.03
C GLY C 34 33.04 -6.43 19.00
N THR C 35 33.75 -5.92 18.00
CA THR C 35 33.15 -5.13 16.91
C THR C 35 32.32 -6.07 16.00
N LEU C 36 32.66 -7.35 15.97
CA LEU C 36 32.05 -8.32 15.04
C LEU C 36 30.69 -8.73 15.60
N ASP C 37 30.69 -9.23 16.84
CA ASP C 37 29.49 -9.64 17.64
C ASP C 37 28.54 -8.44 17.71
N GLU C 38 29.07 -7.22 17.73
CA GLU C 38 28.25 -5.98 17.65
C GLU C 38 27.64 -5.84 16.24
N ALA C 39 28.41 -6.08 15.17
CA ALA C 39 27.89 -6.08 13.78
C ALA C 39 26.83 -7.18 13.64
N THR C 40 27.11 -8.39 14.11
CA THR C 40 26.22 -9.56 14.02
C THR C 40 24.85 -9.24 14.64
N GLN C 41 24.79 -8.28 15.56
CA GLN C 41 23.57 -7.97 16.34
C GLN C 41 22.84 -6.77 15.74
N LYS C 42 23.59 -5.74 15.36
CA LYS C 42 23.15 -4.62 14.49
C LYS C 42 22.47 -5.18 13.21
N ILE C 43 22.84 -6.37 12.76
CA ILE C 43 22.31 -7.02 11.53
C ILE C 43 21.00 -7.76 11.87
N GLU C 44 20.94 -8.42 13.02
CA GLU C 44 19.73 -9.17 13.43
C GLU C 44 18.60 -8.16 13.64
N LEU C 45 18.94 -6.97 14.11
CA LEU C 45 17.98 -5.91 14.50
C LEU C 45 17.52 -5.14 13.27
N GLY C 46 18.38 -4.94 12.29
CA GLY C 46 18.01 -4.37 10.99
C GLY C 46 16.94 -5.23 10.33
N PHE C 47 17.22 -6.52 10.14
CA PHE C 47 16.35 -7.45 9.41
C PHE C 47 15.03 -7.62 10.15
N GLU C 48 15.07 -7.74 11.49
CA GLU C 48 13.85 -7.92 12.34
C GLU C 48 12.97 -6.69 12.20
N SER C 49 13.59 -5.52 12.29
CA SER C 49 12.95 -4.19 12.25
C SER C 49 12.32 -3.95 10.86
N LEU C 50 13.12 -4.04 9.80
CA LEU C 50 12.68 -3.72 8.43
C LEU C 50 11.57 -4.70 8.02
N SER C 51 11.78 -5.98 8.26
CA SER C 51 10.88 -7.11 7.93
C SER C 51 9.48 -6.88 8.51
N SER C 52 9.40 -6.51 9.79
CA SER C 52 8.11 -6.22 10.48
C SER C 52 7.48 -4.95 9.88
N LEU C 53 8.29 -3.94 9.57
CA LEU C 53 7.83 -2.73 8.85
C LEU C 53 7.29 -3.12 7.45
N GLN C 54 7.88 -4.09 6.77
CA GLN C 54 7.35 -4.59 5.47
C GLN C 54 6.04 -5.32 5.73
N VAL C 55 5.95 -6.11 6.81
CA VAL C 55 4.70 -6.85 7.13
C VAL C 55 3.58 -5.83 7.36
N GLU C 56 3.80 -4.81 8.20
CA GLU C 56 2.90 -3.63 8.35
C GLU C 56 2.41 -3.19 6.96
N THR C 57 3.33 -2.80 6.06
CA THR C 57 3.04 -2.22 4.72
C THR C 57 2.08 -3.12 3.93
N ILE C 58 2.38 -4.42 3.88
CA ILE C 58 1.57 -5.42 3.13
C ILE C 58 0.18 -5.46 3.76
N GLN C 59 0.11 -5.41 5.09
CA GLN C 59 -1.16 -5.50 5.86
C GLN C 59 -1.97 -4.21 5.63
N ALA C 60 -1.31 -3.05 5.42
CA ALA C 60 -1.93 -1.73 5.16
C ALA C 60 -2.30 -1.58 3.67
N ILE C 61 -1.88 -2.50 2.82
CA ILE C 61 -2.39 -2.59 1.42
C ILE C 61 -3.62 -3.50 1.43
N GLN C 62 -3.58 -4.60 2.20
CA GLN C 62 -4.59 -5.69 2.24
C GLN C 62 -5.82 -5.25 3.05
N ALA C 63 -5.73 -4.13 3.79
CA ALA C 63 -6.85 -3.47 4.51
C ALA C 63 -7.42 -2.34 3.64
N THR C 64 -6.78 -2.04 2.51
CA THR C 64 -7.01 -0.83 1.68
C THR C 64 -7.62 -1.20 0.34
N ASP C 65 -8.15 -2.42 0.18
CA ASP C 65 -8.78 -2.80 -1.11
C ASP C 65 -10.26 -2.38 -1.07
N TYR C 66 -10.70 -1.76 -2.17
CA TYR C 66 -11.99 -1.04 -2.32
C TYR C 66 -12.60 -1.27 -3.70
N ALA C 67 -12.12 -2.24 -4.48
CA ALA C 67 -12.86 -2.74 -5.66
C ALA C 67 -14.26 -3.17 -5.22
N ASP C 68 -14.43 -3.75 -4.03
CA ASP C 68 -15.75 -4.23 -3.53
C ASP C 68 -16.59 -3.01 -3.14
N SER C 69 -15.95 -2.02 -2.52
CA SER C 69 -16.63 -0.77 -2.11
C SER C 69 -17.27 -0.11 -3.34
N ILE C 70 -16.50 0.04 -4.42
CA ILE C 70 -16.97 0.66 -5.68
C ILE C 70 -18.01 -0.27 -6.33
N LYS C 71 -17.84 -1.59 -6.27
CA LYS C 71 -18.85 -2.54 -6.84
C LYS C 71 -20.19 -2.31 -6.11
N THR C 72 -20.16 -2.11 -4.79
CA THR C 72 -21.35 -1.94 -3.95
C THR C 72 -22.12 -0.70 -4.39
N LEU C 73 -21.40 0.37 -4.71
CA LEU C 73 -21.97 1.65 -5.19
C LEU C 73 -22.56 1.46 -6.59
N GLY C 74 -21.86 0.74 -7.47
CA GLY C 74 -22.38 0.34 -8.77
C GLY C 74 -23.71 -0.37 -8.60
N GLU C 75 -23.84 -1.23 -7.59
CA GLU C 75 -25.10 -1.99 -7.36
C GLU C 75 -26.19 -1.04 -6.89
N ASN C 76 -25.86 -0.11 -5.99
CA ASN C 76 -26.78 0.95 -5.52
C ASN C 76 -27.28 1.79 -6.71
N ILE C 77 -26.42 2.15 -7.64
CA ILE C 77 -26.80 2.87 -8.89
C ILE C 77 -27.77 2.00 -9.70
N LYS C 78 -27.52 0.69 -9.84
CA LYS C 78 -28.39 -0.19 -10.69
C LYS C 78 -29.78 -0.33 -10.05
N ILE C 79 -29.87 -0.23 -8.73
CA ILE C 79 -31.18 -0.33 -8.04
C ILE C 79 -32.00 0.95 -8.29
N LEU C 80 -31.34 2.11 -8.26
CA LEU C 80 -31.95 3.41 -8.56
C LEU C 80 -32.43 3.39 -10.02
N ASP C 81 -31.63 2.96 -10.96
CA ASP C 81 -32.03 2.84 -12.37
C ASP C 81 -33.31 1.99 -12.50
N ARG C 82 -33.40 0.84 -11.81
CA ARG C 82 -34.61 0.01 -11.88
C ARG C 82 -35.79 0.75 -11.29
N SER C 83 -35.68 1.38 -10.11
CA SER C 83 -36.80 2.20 -9.57
C SER C 83 -37.16 3.33 -10.55
N MET C 84 -36.19 4.02 -11.13
CA MET C 84 -36.49 5.13 -12.08
C MET C 84 -37.30 4.58 -13.28
N LYS C 85 -36.86 3.50 -13.89
CA LYS C 85 -37.56 2.88 -15.05
C LYS C 85 -38.97 2.43 -14.64
N SER C 86 -39.17 1.98 -13.42
CA SER C 86 -40.49 1.48 -13.01
C SER C 86 -41.43 2.65 -12.73
N MET C 87 -40.92 3.75 -12.18
CA MET C 87 -41.70 5.00 -12.05
C MET C 87 -42.11 5.54 -13.44
N MET C 88 -41.24 5.47 -14.41
CA MET C 88 -41.61 5.87 -15.79
C MET C 88 -42.74 4.99 -16.30
N GLU C 89 -42.72 3.68 -16.05
CA GLU C 89 -43.83 2.83 -16.57
C GLU C 89 -45.12 3.12 -15.81
N THR C 90 -45.03 3.39 -14.51
CA THR C 90 -46.20 3.80 -13.71
C THR C 90 -46.76 5.15 -14.23
N MET C 91 -45.91 6.13 -14.52
CA MET C 91 -46.43 7.43 -15.03
C MET C 91 -47.03 7.24 -16.44
N ARG C 92 -46.52 6.32 -17.26
CA ARG C 92 -47.21 6.07 -18.57
C ARG C 92 -48.60 5.47 -18.33
N LEU C 93 -48.77 4.67 -17.29
CA LEU C 93 -50.14 4.25 -16.88
C LEU C 93 -50.95 5.48 -16.43
N MET C 94 -50.35 6.36 -15.67
CA MET C 94 -51.09 7.55 -15.18
C MET C 94 -51.59 8.37 -16.38
N MET C 95 -50.74 8.50 -17.39
CA MET C 95 -51.12 9.23 -18.64
C MET C 95 -52.29 8.54 -19.33
N GLU C 96 -52.26 7.22 -19.45
CA GLU C 96 -53.41 6.44 -20.04
C GLU C 96 -54.67 6.71 -19.22
N LYS C 97 -54.56 6.74 -17.88
CA LYS C 97 -55.74 7.06 -17.07
C LYS C 97 -56.25 8.47 -17.34
N ILE C 98 -55.35 9.42 -17.47
CA ILE C 98 -55.79 10.82 -17.74
C ILE C 98 -56.45 10.86 -19.15
N ASP C 99 -55.82 10.27 -20.15
CA ASP C 99 -56.41 10.21 -21.52
C ASP C 99 -57.84 9.64 -21.49
N LEU C 100 -58.06 8.50 -20.81
CA LEU C 100 -59.43 7.92 -20.64
C LEU C 100 -60.37 8.95 -20.01
N LEU C 101 -59.96 9.60 -18.92
CA LEU C 101 -60.86 10.61 -18.35
C LEU C 101 -61.16 11.66 -19.46
N TYR C 102 -60.15 12.15 -20.15
CA TYR C 102 -60.28 13.26 -21.14
C TYR C 102 -61.24 12.80 -22.26
N ALA C 103 -61.06 11.55 -22.69
CA ALA C 103 -61.88 10.93 -23.76
C ALA C 103 -63.36 10.96 -23.38
N SER C 104 -63.68 11.23 -22.11
CA SER C 104 -65.03 11.07 -21.51
C SER C 104 -65.71 12.43 -21.35
N THR C 105 -64.95 13.54 -21.40
CA THR C 105 -65.48 14.93 -21.38
C THR C 105 -66.13 15.29 -22.72
N ALA C 106 -67.02 16.30 -22.67
CA ALA C 106 -67.55 17.06 -23.84
C ALA C 106 -66.46 17.32 -24.88
N ILE C 107 -65.27 17.83 -24.48
CA ILE C 107 -64.19 18.37 -25.37
C ILE C 107 -63.42 17.23 -26.07
N GLY C 108 -63.15 16.10 -25.39
CA GLY C 108 -62.36 14.97 -25.94
C GLY C 108 -63.26 13.86 -26.46
N ASP D 11 70.70 -15.99 17.02
CA ASP D 11 71.17 -14.94 16.07
C ASP D 11 70.07 -13.89 15.86
N GLU D 12 70.43 -12.78 15.23
CA GLU D 12 69.51 -11.67 14.87
C GLU D 12 68.51 -12.13 13.80
N LEU D 13 68.57 -13.40 13.39
CA LEU D 13 67.59 -14.05 12.47
C LEU D 13 66.34 -14.49 13.25
N ILE D 14 66.46 -14.70 14.57
CA ILE D 14 65.30 -14.85 15.50
C ILE D 14 64.72 -13.46 15.77
N LYS D 15 65.58 -12.43 15.86
CA LYS D 15 65.20 -11.00 16.07
C LYS D 15 64.43 -10.46 14.86
N GLN D 16 64.89 -10.72 13.63
CA GLN D 16 64.35 -10.11 12.38
C GLN D 16 62.97 -10.73 12.08
N LEU D 17 62.88 -12.06 12.04
CA LEU D 17 61.66 -12.84 11.66
C LEU D 17 60.46 -12.48 12.53
N VAL D 18 60.70 -12.24 13.83
CA VAL D 18 59.66 -11.89 14.84
C VAL D 18 59.29 -10.39 14.71
N MET D 19 60.29 -9.50 14.58
CA MET D 19 60.07 -8.03 14.42
C MET D 19 59.21 -7.80 13.17
N GLU D 20 59.36 -8.64 12.14
CA GLU D 20 58.59 -8.66 10.86
C GLU D 20 57.15 -9.13 11.11
N LEU D 21 56.99 -10.28 11.79
CA LEU D 21 55.69 -10.91 12.13
C LEU D 21 54.87 -9.97 13.04
N ALA D 22 55.52 -9.28 13.99
CA ALA D 22 54.89 -8.29 14.91
C ALA D 22 54.36 -7.07 14.13
N GLU D 23 55.13 -6.55 13.17
CA GLU D 23 54.85 -5.26 12.50
C GLU D 23 53.79 -5.46 11.42
N ASN D 24 53.79 -6.61 10.73
CA ASN D 24 52.84 -6.86 9.59
C ASN D 24 51.57 -7.57 10.11
N SER D 25 51.65 -8.33 11.21
CA SER D 25 50.43 -8.88 11.88
C SER D 25 49.62 -7.74 12.49
N MET D 26 50.29 -6.66 12.93
CA MET D 26 49.64 -5.39 13.37
C MET D 26 49.11 -4.64 12.15
N ILE D 27 49.81 -4.70 11.01
CA ILE D 27 49.34 -4.18 9.70
C ILE D 27 48.04 -4.90 9.33
N GLU D 28 48.02 -6.25 9.39
CA GLU D 28 46.84 -7.09 9.10
C GLU D 28 45.66 -6.68 9.99
N ALA D 29 45.89 -6.64 11.31
CA ALA D 29 44.88 -6.45 12.38
C ALA D 29 44.16 -5.11 12.16
N GLU D 30 44.93 -4.05 11.87
CA GLU D 30 44.40 -2.70 11.53
C GLU D 30 43.65 -2.79 10.20
N GLY D 31 44.19 -3.51 9.21
CA GLY D 31 43.47 -3.85 7.97
C GLY D 31 42.09 -4.43 8.27
N LEU D 32 42.01 -5.41 9.18
CA LEU D 32 40.72 -6.05 9.54
C LEU D 32 39.85 -5.07 10.31
N LYS D 33 40.44 -4.39 11.31
CA LYS D 33 39.70 -3.49 12.23
C LYS D 33 39.06 -2.39 11.38
N GLY D 34 39.80 -1.85 10.42
CA GLY D 34 39.38 -0.77 9.52
C GLY D 34 38.26 -1.21 8.59
N THR D 35 38.30 -2.45 8.09
CA THR D 35 37.28 -3.00 7.16
C THR D 35 36.02 -3.30 7.98
N LEU D 36 36.19 -3.87 9.18
CA LEU D 36 35.08 -4.17 10.10
C LEU D 36 34.41 -2.85 10.53
N ASP D 37 35.16 -1.75 10.62
CA ASP D 37 34.61 -0.44 11.03
C ASP D 37 33.93 0.22 9.83
N GLU D 38 34.38 -0.04 8.61
CA GLU D 38 33.64 0.39 7.40
C GLU D 38 32.34 -0.42 7.34
N ALA D 39 32.45 -1.74 7.45
CA ALA D 39 31.29 -2.65 7.25
C ALA D 39 30.15 -2.17 8.16
N THR D 40 30.42 -2.10 9.46
CA THR D 40 29.50 -1.57 10.51
C THR D 40 28.87 -0.25 10.05
N GLN D 41 29.67 0.74 9.65
CA GLN D 41 29.14 2.04 9.19
C GLN D 41 28.15 1.79 8.03
N LYS D 42 28.49 0.87 7.11
CA LYS D 42 27.66 0.58 5.91
C LYS D 42 26.36 -0.12 6.33
N ILE D 43 26.41 -1.06 7.28
CA ILE D 43 25.19 -1.76 7.81
C ILE D 43 24.24 -0.71 8.41
N GLU D 44 24.79 0.27 9.15
CA GLU D 44 24.00 1.32 9.83
C GLU D 44 23.32 2.19 8.77
N LEU D 45 24.09 2.72 7.82
CA LEU D 45 23.58 3.65 6.77
C LEU D 45 22.65 2.85 5.85
N GLY D 46 22.89 1.55 5.70
CA GLY D 46 22.04 0.62 4.92
C GLY D 46 20.64 0.56 5.48
N PHE D 47 20.48 0.07 6.71
CA PHE D 47 19.17 -0.07 7.38
C PHE D 47 18.54 1.31 7.62
N GLU D 48 19.32 2.36 7.77
CA GLU D 48 18.75 3.73 7.90
C GLU D 48 18.07 4.07 6.57
N SER D 49 18.76 3.77 5.48
CA SER D 49 18.26 4.05 4.11
C SER D 49 16.98 3.22 3.83
N LEU D 50 16.96 1.91 4.10
CA LEU D 50 15.79 1.05 3.75
C LEU D 50 14.60 1.38 4.63
N SER D 51 14.80 1.58 5.95
CA SER D 51 13.77 2.05 6.93
C SER D 51 13.08 3.30 6.42
N SER D 52 13.86 4.32 6.10
CA SER D 52 13.42 5.62 5.55
C SER D 52 12.61 5.40 4.25
N LEU D 53 13.13 4.64 3.28
CA LEU D 53 12.38 4.29 2.04
C LEU D 53 11.08 3.54 2.38
N GLN D 54 11.09 2.63 3.34
CA GLN D 54 9.89 1.85 3.73
C GLN D 54 8.85 2.79 4.37
N VAL D 55 9.28 3.73 5.22
CA VAL D 55 8.38 4.74 5.82
C VAL D 55 7.80 5.57 4.66
N GLU D 56 8.63 6.02 3.72
CA GLU D 56 8.15 6.79 2.55
C GLU D 56 7.17 5.92 1.73
N THR D 57 7.32 4.60 1.71
CA THR D 57 6.38 3.71 0.98
C THR D 57 5.00 3.73 1.63
N ILE D 58 4.98 3.53 2.96
CA ILE D 58 3.76 3.54 3.80
C ILE D 58 3.03 4.87 3.62
N GLN D 59 3.74 6.00 3.59
CA GLN D 59 3.15 7.34 3.44
C GLN D 59 2.64 7.50 1.99
N ALA D 60 3.38 7.02 0.98
CA ALA D 60 2.91 7.08 -0.42
C ALA D 60 1.59 6.31 -0.52
N ILE D 61 1.46 5.19 0.20
CA ILE D 61 0.23 4.35 0.19
C ILE D 61 -0.92 5.11 0.89
N GLN D 62 -0.69 5.55 2.13
CA GLN D 62 -1.62 6.37 2.93
C GLN D 62 -2.16 7.54 2.09
N ALA D 63 -1.35 8.20 1.27
CA ALA D 63 -1.76 9.42 0.52
C ALA D 63 -2.47 9.04 -0.77
N THR D 64 -2.56 7.74 -1.10
CA THR D 64 -3.37 7.24 -2.24
C THR D 64 -4.47 6.33 -1.70
N ASP D 65 -4.76 6.39 -0.41
CA ASP D 65 -5.91 5.70 0.21
C ASP D 65 -7.12 6.63 0.07
N TYR D 66 -8.12 6.28 -0.74
CA TYR D 66 -9.26 7.17 -1.10
C TYR D 66 -10.56 6.67 -0.45
N ALA D 67 -10.43 5.88 0.63
CA ALA D 67 -11.55 5.29 1.40
C ALA D 67 -12.58 6.36 1.76
N ASP D 68 -12.07 7.53 2.15
CA ASP D 68 -12.82 8.74 2.55
C ASP D 68 -13.47 9.40 1.33
N SER D 69 -12.82 9.38 0.18
CA SER D 69 -13.40 9.91 -1.08
C SER D 69 -14.54 8.98 -1.54
N ILE D 70 -14.37 7.68 -1.38
CA ILE D 70 -15.39 6.63 -1.69
C ILE D 70 -16.55 6.77 -0.70
N LYS D 71 -16.20 7.04 0.56
CA LYS D 71 -17.15 7.40 1.64
C LYS D 71 -18.10 8.48 1.11
N THR D 72 -17.57 9.67 0.81
CA THR D 72 -18.34 10.83 0.31
C THR D 72 -19.19 10.41 -0.90
N LEU D 73 -18.63 9.64 -1.82
CA LEU D 73 -19.36 9.15 -3.01
C LEU D 73 -20.60 8.39 -2.54
N GLY D 74 -20.46 7.51 -1.55
CA GLY D 74 -21.53 6.67 -1.00
C GLY D 74 -22.57 7.50 -0.28
N GLU D 75 -22.13 8.48 0.51
CA GLU D 75 -23.05 9.46 1.17
C GLU D 75 -23.87 10.13 0.07
N ASN D 76 -23.26 10.56 -1.02
CA ASN D 76 -24.02 11.30 -2.06
C ASN D 76 -25.00 10.34 -2.78
N ILE D 77 -24.69 9.05 -2.89
CA ILE D 77 -25.63 8.08 -3.54
C ILE D 77 -26.82 7.83 -2.58
N LYS D 78 -26.58 7.83 -1.28
CA LYS D 78 -27.67 7.72 -0.26
C LYS D 78 -28.63 8.88 -0.43
N ILE D 79 -28.15 10.08 -0.78
CA ILE D 79 -29.05 11.24 -1.00
C ILE D 79 -29.91 10.96 -2.24
N LEU D 80 -29.36 10.42 -3.34
CA LEU D 80 -30.22 10.10 -4.52
C LEU D 80 -31.29 9.10 -4.08
N ASP D 81 -30.87 8.06 -3.34
CA ASP D 81 -31.79 7.03 -2.82
C ASP D 81 -32.95 7.67 -2.08
N ARG D 82 -32.66 8.59 -1.14
CA ARG D 82 -33.72 9.29 -0.37
C ARG D 82 -34.58 10.15 -1.32
N SER D 83 -34.03 10.81 -2.32
CA SER D 83 -34.91 11.54 -3.28
C SER D 83 -35.80 10.50 -3.98
N MET D 84 -35.25 9.38 -4.37
CA MET D 84 -36.03 8.32 -5.09
C MET D 84 -37.14 7.80 -4.18
N LYS D 85 -36.82 7.63 -2.89
CA LYS D 85 -37.87 7.17 -1.94
C LYS D 85 -38.97 8.24 -1.92
N SER D 86 -38.59 9.50 -1.79
CA SER D 86 -39.59 10.58 -1.77
C SER D 86 -40.43 10.56 -3.06
N MET D 87 -39.82 10.49 -4.26
CA MET D 87 -40.62 10.47 -5.52
C MET D 87 -41.63 9.28 -5.53
N MET D 88 -41.20 8.10 -5.12
CA MET D 88 -42.00 6.83 -5.14
C MET D 88 -43.21 7.01 -4.22
N GLU D 89 -43.05 7.70 -3.09
CA GLU D 89 -44.22 7.93 -2.21
C GLU D 89 -45.14 8.93 -2.86
N THR D 90 -44.62 10.02 -3.40
CA THR D 90 -45.49 10.95 -4.15
C THR D 90 -46.21 10.21 -5.29
N MET D 91 -45.53 9.33 -6.01
CA MET D 91 -46.19 8.59 -7.15
C MET D 91 -47.34 7.71 -6.57
N ARG D 92 -47.17 7.16 -5.36
CA ARG D 92 -48.24 6.30 -4.79
C ARG D 92 -49.43 7.17 -4.52
N LEU D 93 -49.21 8.38 -3.99
CA LEU D 93 -50.34 9.22 -3.55
C LEU D 93 -51.05 9.72 -4.80
N MET D 94 -50.26 10.06 -5.79
CA MET D 94 -50.77 10.60 -7.08
C MET D 94 -51.73 9.58 -7.73
N MET D 95 -51.30 8.35 -7.79
CA MET D 95 -52.13 7.33 -8.48
C MET D 95 -53.48 7.23 -7.76
N GLU D 96 -53.46 7.33 -6.44
CA GLU D 96 -54.70 7.26 -5.64
C GLU D 96 -55.63 8.44 -5.96
N LYS D 97 -55.10 9.66 -6.01
CA LYS D 97 -55.85 10.86 -6.44
C LYS D 97 -56.35 10.67 -7.89
N ILE D 98 -55.53 10.16 -8.82
CA ILE D 98 -56.07 9.95 -10.20
C ILE D 98 -57.23 8.94 -10.16
N ASP D 99 -57.13 7.85 -9.35
CA ASP D 99 -58.20 6.84 -9.32
C ASP D 99 -59.47 7.54 -8.83
N LEU D 100 -59.35 8.39 -7.80
CA LEU D 100 -60.48 9.15 -7.22
C LEU D 100 -61.13 10.07 -8.29
N LEU D 101 -60.41 10.56 -9.30
CA LEU D 101 -61.03 11.35 -10.40
C LEU D 101 -62.09 10.51 -11.10
N TYR D 102 -61.98 9.18 -11.08
CA TYR D 102 -62.94 8.31 -11.84
C TYR D 102 -64.33 8.36 -11.19
N ALA D 103 -64.42 8.75 -9.90
CA ALA D 103 -65.69 8.95 -9.17
C ALA D 103 -66.20 10.40 -9.32
N SER D 104 -65.33 11.41 -9.49
CA SER D 104 -65.71 12.85 -9.46
C SER D 104 -65.88 13.47 -10.87
N THR D 105 -65.31 12.90 -11.93
CA THR D 105 -65.23 13.53 -13.28
C THR D 105 -66.46 13.05 -14.05
N ALA D 106 -67.40 13.96 -14.37
CA ALA D 106 -68.65 13.66 -15.08
C ALA D 106 -68.30 13.15 -16.48
N ILE D 107 -69.19 12.33 -17.07
CA ILE D 107 -69.24 12.05 -18.55
C ILE D 107 -70.26 13.02 -19.17
#